data_5XTF
#
_entry.id   5XTF
#
_cell.length_a   63.162
_cell.length_b   69.695
_cell.length_c   117.692
_cell.angle_alpha   90.000
_cell.angle_beta   90.000
_cell.angle_gamma   90.000
#
_symmetry.space_group_name_H-M   'P 2 21 21'
#
loop_
_entity.id
_entity.type
_entity.pdbx_description
1 polymer '2,3-dihydroxy-2,3-dihydrophenylpropionate dehydrogenase'
2 water water
#
_entity_poly.entity_id   1
_entity_poly.type   'polypeptide(L)'
_entity_poly.pdbx_seq_one_letter_code
;MHHHHHHASENLYFQGAMVMGNQQVVSITGAGSGIGLELVRSFKLAGYCVSALVRNEEQEALLCNEFKDALEIVVGDVRD
HATNEKLIKQTIDRFGHLDCFIANAGIWDYMLNIEEPWEKISSSFDEIFDINVKSYFSGISAALPELKKTNGSVVMTASV
SSHAVGGGGSCYIASKHAVLGMVKALAYELAPEIRVNAVSPGGTVTSLCGPASAGFDKMHMKDMPGIDDMIKGLTPLGFA
AKPEDVVAPYLLLASRKQGKFITGTVISIDGGMALGRK
;
_entity_poly.pdbx_strand_id   A,B
#
# COMPACT_ATOMS: atom_id res chain seq x y z
N ASN A 22 -22.03 4.28 -10.90
CA ASN A 22 -20.89 4.00 -10.02
C ASN A 22 -20.73 2.50 -9.78
N GLN A 23 -21.69 1.70 -10.27
CA GLN A 23 -21.53 0.26 -10.20
C GLN A 23 -20.20 -0.16 -10.85
N GLN A 24 -19.34 -0.83 -10.09
CA GLN A 24 -18.00 -1.15 -10.57
C GLN A 24 -17.91 -2.62 -10.98
N VAL A 25 -17.08 -2.88 -11.98
CA VAL A 25 -16.88 -4.21 -12.57
C VAL A 25 -15.39 -4.54 -12.57
N VAL A 26 -15.04 -5.71 -12.05
CA VAL A 26 -13.66 -6.20 -12.02
C VAL A 26 -13.58 -7.56 -12.72
N SER A 27 -12.44 -7.81 -13.36
CA SER A 27 -12.17 -9.10 -13.98
C SER A 27 -10.87 -9.65 -13.43
N ILE A 28 -10.88 -10.91 -12.98
CA ILE A 28 -9.79 -11.50 -12.20
C ILE A 28 -9.29 -12.77 -12.90
N THR A 29 -7.99 -12.82 -13.24
CA THR A 29 -7.40 -14.10 -13.64
C THR A 29 -6.81 -14.83 -12.43
N GLY A 30 -6.50 -16.11 -12.62
CA GLY A 30 -6.06 -16.95 -11.51
C GLY A 30 -7.07 -17.04 -10.39
N ALA A 31 -8.36 -16.99 -10.73
CA ALA A 31 -9.45 -16.81 -9.79
C ALA A 31 -9.92 -18.10 -9.11
N GLY A 32 -9.46 -19.27 -9.55
CA GLY A 32 -10.01 -20.51 -9.05
C GLY A 32 -9.39 -21.06 -7.79
N SER A 33 -8.37 -20.39 -7.26
CA SER A 33 -7.66 -20.90 -6.09
C SER A 33 -6.91 -19.75 -5.44
N GLY A 34 -6.46 -19.99 -4.22
CA GLY A 34 -5.51 -19.10 -3.56
C GLY A 34 -6.00 -17.68 -3.46
N ILE A 35 -5.09 -16.73 -3.70
CA ILE A 35 -5.43 -15.32 -3.57
C ILE A 35 -6.52 -14.94 -4.57
N GLY A 36 -6.47 -15.49 -5.79
CA GLY A 36 -7.46 -15.14 -6.79
C GLY A 36 -8.88 -15.47 -6.35
N LEU A 37 -9.06 -16.64 -5.73
CA LEU A 37 -10.38 -17.00 -5.23
C LEU A 37 -10.81 -16.08 -4.09
N GLU A 38 -9.85 -15.67 -3.24
CA GLU A 38 -10.19 -14.75 -2.17
C GLU A 38 -10.51 -13.36 -2.70
N LEU A 39 -9.92 -12.98 -3.82
CA LEU A 39 -10.25 -11.70 -4.43
C LEU A 39 -11.67 -11.74 -4.97
N VAL A 40 -12.08 -12.86 -5.56
CA VAL A 40 -13.46 -12.97 -6.04
C VAL A 40 -14.42 -12.74 -4.89
N ARG A 41 -14.20 -13.44 -3.78
CA ARG A 41 -15.04 -13.24 -2.60
C ARG A 41 -15.00 -11.80 -2.14
N SER A 42 -13.81 -11.19 -2.10
CA SER A 42 -13.70 -9.87 -1.49
C SER A 42 -14.33 -8.78 -2.35
N PHE A 43 -14.10 -8.83 -3.66
CA PHE A 43 -14.72 -7.83 -4.51
C PHE A 43 -16.23 -8.03 -4.59
N LYS A 44 -16.70 -9.29 -4.57
CA LYS A 44 -18.15 -9.54 -4.51
C LYS A 44 -18.75 -8.97 -3.24
N LEU A 45 -18.14 -9.29 -2.10
CA LEU A 45 -18.58 -8.75 -0.83
C LEU A 45 -18.56 -7.23 -0.80
N ALA A 46 -17.67 -6.57 -1.55
CA ALA A 46 -17.59 -5.12 -1.57
C ALA A 46 -18.54 -4.45 -2.56
N GLY A 47 -19.34 -5.20 -3.33
CA GLY A 47 -20.33 -4.63 -4.22
C GLY A 47 -20.01 -4.71 -5.70
N TYR A 48 -18.84 -5.19 -6.08
CA TYR A 48 -18.48 -5.25 -7.48
C TYR A 48 -19.26 -6.35 -8.21
N CYS A 49 -19.52 -6.12 -9.49
CA CYS A 49 -19.69 -7.23 -10.41
C CYS A 49 -18.33 -7.83 -10.72
N VAL A 50 -18.27 -9.16 -10.83
CA VAL A 50 -17.01 -9.89 -10.95
C VAL A 50 -17.08 -10.89 -12.10
N SER A 51 -16.07 -10.88 -12.97
CA SER A 51 -15.79 -12.03 -13.83
C SER A 51 -14.47 -12.66 -13.41
N ALA A 52 -14.31 -13.93 -13.78
CA ALA A 52 -13.24 -14.76 -13.23
C ALA A 52 -12.77 -15.76 -14.28
N LEU A 53 -11.46 -15.90 -14.40
CA LEU A 53 -10.84 -16.89 -15.27
C LEU A 53 -10.26 -17.99 -14.39
N VAL A 54 -10.72 -19.22 -14.58
CA VAL A 54 -10.29 -20.35 -13.76
C VAL A 54 -9.63 -21.39 -14.66
N ARG A 55 -8.78 -22.23 -14.05
CA ARG A 55 -8.02 -23.21 -14.84
C ARG A 55 -8.91 -24.34 -15.35
N ASN A 56 -9.95 -24.71 -14.62
CA ASN A 56 -10.65 -25.94 -14.95
C ASN A 56 -12.05 -25.94 -14.37
N GLU A 57 -12.82 -26.94 -14.80
CA GLU A 57 -14.25 -26.98 -14.52
C GLU A 57 -14.56 -27.20 -13.05
N GLU A 58 -13.66 -27.90 -12.32
CA GLU A 58 -13.87 -28.11 -10.90
C GLU A 58 -13.79 -26.80 -10.12
N GLN A 59 -12.85 -25.92 -10.51
CA GLN A 59 -12.79 -24.59 -9.92
C GLN A 59 -14.03 -23.78 -10.26
N GLU A 60 -14.54 -23.94 -11.48
CA GLU A 60 -15.76 -23.26 -11.87
C GLU A 60 -16.94 -23.70 -11.01
N ALA A 61 -17.05 -25.01 -10.75
CA ALA A 61 -18.12 -25.49 -9.88
C ALA A 61 -17.96 -24.92 -8.49
N LEU A 62 -16.71 -24.83 -8.01
CA LEU A 62 -16.45 -24.26 -6.68
C LEU A 62 -16.98 -22.83 -6.58
N LEU A 63 -16.78 -22.02 -7.62
CA LEU A 63 -17.35 -20.68 -7.59
C LEU A 63 -18.87 -20.71 -7.74
N CYS A 64 -19.41 -21.63 -8.54
CA CYS A 64 -20.85 -21.70 -8.74
C CYS A 64 -21.56 -22.13 -7.47
N ASN A 65 -20.98 -23.07 -6.70
CA ASN A 65 -21.61 -23.44 -5.44
C ASN A 65 -21.79 -22.24 -4.52
N GLU A 66 -20.92 -21.23 -4.62
CA GLU A 66 -21.00 -20.09 -3.73
C GLU A 66 -21.84 -18.96 -4.30
N PHE A 67 -21.65 -18.62 -5.58
CA PHE A 67 -22.29 -17.44 -6.13
C PHE A 67 -23.33 -17.76 -7.19
N LYS A 68 -23.60 -19.04 -7.42
CA LYS A 68 -24.67 -19.50 -8.30
C LYS A 68 -24.44 -18.97 -9.73
N ASP A 69 -25.18 -17.95 -10.17
CA ASP A 69 -24.96 -17.43 -11.52
C ASP A 69 -24.57 -15.96 -11.54
N ALA A 70 -24.26 -15.38 -10.39
CA ALA A 70 -23.93 -13.96 -10.34
C ALA A 70 -22.61 -13.60 -11.03
N LEU A 71 -21.71 -14.55 -11.28
CA LEU A 71 -20.43 -14.23 -11.92
C LEU A 71 -20.45 -14.60 -13.41
N GLU A 72 -19.54 -13.96 -14.16
CA GLU A 72 -19.15 -14.47 -15.48
C GLU A 72 -17.88 -15.28 -15.28
N ILE A 73 -17.95 -16.57 -15.57
CA ILE A 73 -16.81 -17.47 -15.37
C ILE A 73 -16.37 -17.98 -16.73
N VAL A 74 -15.07 -17.89 -17.00
CA VAL A 74 -14.45 -18.48 -18.18
C VAL A 74 -13.44 -19.51 -17.69
N VAL A 75 -13.45 -20.68 -18.30
CA VAL A 75 -12.53 -21.76 -17.97
C VAL A 75 -11.51 -21.85 -19.09
N GLY A 76 -10.24 -21.60 -18.77
CA GLY A 76 -9.23 -21.59 -19.82
C GLY A 76 -7.85 -21.32 -19.27
N ASP A 77 -6.93 -21.05 -20.21
CA ASP A 77 -5.50 -20.90 -19.95
C ASP A 77 -5.09 -19.46 -20.26
N VAL A 78 -4.56 -18.74 -19.27
CA VAL A 78 -4.16 -17.34 -19.50
C VAL A 78 -3.10 -17.23 -20.60
N ARG A 79 -2.39 -18.31 -20.89
CA ARG A 79 -1.37 -18.26 -21.93
C ARG A 79 -1.96 -18.16 -23.32
N ASP A 80 -3.24 -18.45 -23.48
CA ASP A 80 -3.89 -18.26 -24.78
C ASP A 80 -4.55 -16.90 -24.80
N HIS A 81 -4.18 -16.07 -25.79
CA HIS A 81 -4.68 -14.70 -25.86
C HIS A 81 -6.19 -14.64 -26.12
N ALA A 82 -6.71 -15.55 -26.94
CA ALA A 82 -8.15 -15.60 -27.18
C ALA A 82 -8.93 -15.90 -25.90
N THR A 83 -8.38 -16.73 -25.02
CA THR A 83 -9.01 -16.94 -23.72
C THR A 83 -9.12 -15.62 -22.95
N ASN A 84 -8.09 -14.76 -23.05
CA ASN A 84 -8.13 -13.47 -22.38
C ASN A 84 -9.14 -12.54 -23.05
N GLU A 85 -9.13 -12.49 -24.39
CA GLU A 85 -10.13 -11.72 -25.11
C GLU A 85 -11.55 -12.20 -24.78
N LYS A 86 -11.74 -13.52 -24.67
CA LYS A 86 -13.04 -14.07 -24.33
C LYS A 86 -13.49 -13.61 -22.95
N LEU A 87 -12.57 -13.59 -21.99
CA LEU A 87 -12.91 -13.14 -20.64
C LEU A 87 -13.40 -11.70 -20.64
N ILE A 88 -12.72 -10.82 -21.38
CA ILE A 88 -13.19 -9.43 -21.43
C ILE A 88 -14.51 -9.35 -22.19
N LYS A 89 -14.60 -10.06 -23.32
CA LYS A 89 -15.81 -9.99 -24.12
C LYS A 89 -17.02 -10.42 -23.31
N GLN A 90 -16.92 -11.55 -22.60
CA GLN A 90 -18.06 -11.99 -21.79
C GLN A 90 -18.32 -11.03 -20.62
N THR A 91 -17.27 -10.35 -20.12
CA THR A 91 -17.48 -9.37 -19.06
C THR A 91 -18.33 -8.20 -19.56
N ILE A 92 -17.95 -7.60 -20.69
CA ILE A 92 -18.69 -6.46 -21.22
C ILE A 92 -20.11 -6.88 -21.62
N ASP A 93 -20.25 -8.07 -22.20
CA ASP A 93 -21.57 -8.49 -22.67
C ASP A 93 -22.53 -8.70 -21.52
N ARG A 94 -22.03 -9.18 -20.38
CA ARG A 94 -22.87 -9.38 -19.22
C ARG A 94 -23.08 -8.07 -18.47
N PHE A 95 -21.99 -7.37 -18.13
CA PHE A 95 -22.07 -6.22 -17.23
C PHE A 95 -21.94 -4.88 -17.94
N GLY A 96 -21.64 -4.85 -19.23
CA GLY A 96 -21.62 -3.59 -19.96
C GLY A 96 -20.29 -2.85 -20.06
N HIS A 97 -19.47 -2.89 -19.01
CA HIS A 97 -18.20 -2.18 -18.99
C HIS A 97 -17.21 -2.90 -18.08
N LEU A 98 -15.96 -2.45 -18.10
CA LEU A 98 -14.92 -3.02 -17.24
C LEU A 98 -14.21 -1.88 -16.54
N ASP A 99 -14.14 -1.95 -15.21
CA ASP A 99 -13.47 -0.92 -14.40
C ASP A 99 -12.07 -1.32 -13.92
N CYS A 100 -11.83 -2.59 -13.62
CA CYS A 100 -10.53 -2.98 -13.11
C CYS A 100 -10.20 -4.36 -13.64
N PHE A 101 -8.97 -4.52 -14.12
CA PHE A 101 -8.44 -5.82 -14.51
C PHE A 101 -7.35 -6.22 -13.52
N ILE A 102 -7.44 -7.44 -12.98
CA ILE A 102 -6.52 -7.91 -11.96
C ILE A 102 -5.81 -9.14 -12.52
N ALA A 103 -4.56 -8.94 -12.95
CA ALA A 103 -3.74 -10.03 -13.48
C ALA A 103 -3.07 -10.74 -12.31
N ASN A 104 -3.43 -12.00 -12.11
CA ASN A 104 -3.02 -12.67 -10.88
C ASN A 104 -2.52 -14.08 -11.08
N ALA A 105 -2.91 -14.78 -12.15
CA ALA A 105 -2.46 -16.15 -12.30
C ALA A 105 -0.94 -16.22 -12.32
N GLY A 106 -0.38 -17.21 -11.63
CA GLY A 106 1.07 -17.32 -11.52
C GLY A 106 1.49 -18.75 -11.28
N ILE A 107 2.80 -18.96 -11.34
CA ILE A 107 3.34 -20.32 -11.23
C ILE A 107 4.75 -20.23 -10.64
N TRP A 108 5.08 -21.23 -9.84
CA TRP A 108 6.34 -21.31 -9.13
C TRP A 108 7.35 -22.13 -9.93
N ASP A 109 8.63 -22.02 -9.56
CA ASP A 109 9.68 -22.83 -10.18
C ASP A 109 10.29 -23.85 -9.23
N TYR A 110 9.79 -23.96 -8.00
CA TYR A 110 10.22 -25.00 -7.07
C TYR A 110 11.73 -24.98 -6.89
N MET A 111 12.29 -23.78 -6.82
CA MET A 111 13.71 -23.55 -6.52
C MET A 111 14.62 -24.21 -7.55
N LEU A 112 14.23 -24.16 -8.82
CA LEU A 112 15.02 -24.76 -9.89
C LEU A 112 16.42 -24.14 -9.95
N ASN A 113 17.44 -24.97 -9.75
CA ASN A 113 18.81 -24.45 -9.67
C ASN A 113 19.37 -24.19 -11.06
N ILE A 114 20.23 -23.17 -11.16
CA ILE A 114 20.87 -22.87 -12.42
C ILE A 114 21.82 -23.96 -12.88
N GLU A 115 22.16 -24.91 -11.99
CA GLU A 115 23.05 -26.01 -12.34
C GLU A 115 22.37 -27.11 -13.14
N GLU A 116 21.04 -27.14 -13.22
CA GLU A 116 20.32 -28.25 -13.82
C GLU A 116 20.62 -28.34 -15.31
N PRO A 117 20.34 -29.50 -15.93
CA PRO A 117 20.41 -29.61 -17.38
C PRO A 117 19.65 -28.48 -18.08
N TRP A 118 20.30 -27.86 -19.08
CA TRP A 118 19.66 -26.74 -19.78
C TRP A 118 18.29 -27.10 -20.34
N GLU A 119 18.10 -28.36 -20.73
CA GLU A 119 16.81 -28.80 -21.22
C GLU A 119 15.72 -28.53 -20.20
N LYS A 120 16.01 -28.80 -18.93
CA LYS A 120 15.02 -28.53 -17.89
C LYS A 120 14.91 -27.04 -17.61
N ILE A 121 16.06 -26.35 -17.53
CA ILE A 121 16.03 -24.90 -17.31
C ILE A 121 15.23 -24.21 -18.39
N SER A 122 15.48 -24.57 -19.66
CA SER A 122 14.86 -23.85 -20.77
C SER A 122 13.35 -24.03 -20.80
N SER A 123 12.86 -25.24 -20.56
CA SER A 123 11.42 -25.44 -20.63
C SER A 123 10.74 -24.81 -19.42
N SER A 124 11.36 -24.93 -18.26
CA SER A 124 10.81 -24.29 -17.08
C SER A 124 10.75 -22.77 -17.26
N PHE A 125 11.81 -22.17 -17.80
CA PHE A 125 11.80 -20.73 -18.09
C PHE A 125 10.63 -20.36 -19.00
N ASP A 126 10.42 -21.12 -20.06
CA ASP A 126 9.38 -20.75 -21.02
C ASP A 126 8.02 -20.75 -20.34
N GLU A 127 7.78 -21.74 -19.47
CA GLU A 127 6.49 -21.78 -18.79
C GLU A 127 6.38 -20.66 -17.76
N ILE A 128 7.40 -20.52 -16.91
CA ILE A 128 7.37 -19.48 -15.88
C ILE A 128 7.19 -18.10 -16.51
N PHE A 129 7.91 -17.81 -17.58
CA PHE A 129 7.76 -16.47 -18.17
C PHE A 129 6.47 -16.33 -18.97
N ASP A 130 6.01 -17.41 -19.61
CA ASP A 130 4.73 -17.40 -20.31
C ASP A 130 3.59 -17.06 -19.36
N ILE A 131 3.58 -17.66 -18.18
CA ILE A 131 2.46 -17.44 -17.28
C ILE A 131 2.66 -16.14 -16.51
N ASN A 132 3.82 -15.96 -15.88
CA ASN A 132 4.04 -14.88 -14.93
C ASN A 132 4.24 -13.51 -15.58
N VAL A 133 4.60 -13.45 -16.87
CA VAL A 133 4.89 -12.16 -17.48
C VAL A 133 4.10 -11.96 -18.77
N LYS A 134 4.28 -12.89 -19.74
CA LYS A 134 3.62 -12.66 -21.02
C LYS A 134 2.10 -12.68 -20.89
N SER A 135 1.58 -13.52 -20.00
CA SER A 135 0.13 -13.53 -19.77
C SER A 135 -0.39 -12.19 -19.28
N TYR A 136 0.40 -11.46 -18.50
CA TYR A 136 -0.06 -10.16 -18.00
C TYR A 136 -0.16 -9.16 -19.14
N PHE A 137 0.88 -9.12 -19.99
CA PHE A 137 0.79 -8.33 -21.20
C PHE A 137 -0.47 -8.71 -21.99
N SER A 138 -0.73 -10.02 -22.12
CA SER A 138 -1.87 -10.49 -22.89
C SER A 138 -3.19 -10.04 -22.26
N GLY A 139 -3.34 -10.24 -20.96
CA GLY A 139 -4.56 -9.84 -20.30
C GLY A 139 -4.79 -8.34 -20.37
N ILE A 140 -3.72 -7.55 -20.26
CA ILE A 140 -3.86 -6.10 -20.27
C ILE A 140 -4.12 -5.60 -21.69
N SER A 141 -3.44 -6.18 -22.68
CA SER A 141 -3.76 -5.83 -24.07
C SER A 141 -5.24 -6.10 -24.36
N ALA A 142 -5.74 -7.25 -23.91
CA ALA A 142 -7.15 -7.57 -24.15
C ALA A 142 -8.09 -6.63 -23.40
N ALA A 143 -7.68 -6.16 -22.22
CA ALA A 143 -8.55 -5.34 -21.39
C ALA A 143 -8.45 -3.85 -21.67
N LEU A 144 -7.42 -3.42 -22.39
CA LEU A 144 -7.12 -1.99 -22.52
C LEU A 144 -8.24 -1.17 -23.16
N PRO A 145 -8.84 -1.57 -24.30
CA PRO A 145 -9.83 -0.67 -24.92
C PRO A 145 -11.02 -0.40 -24.02
N GLU A 146 -11.37 -1.35 -23.15
CA GLU A 146 -12.49 -1.11 -22.24
C GLU A 146 -12.07 -0.31 -21.03
N LEU A 147 -10.82 -0.48 -20.56
CA LEU A 147 -10.35 0.34 -19.44
C LEU A 147 -10.23 1.79 -19.84
N LYS A 148 -9.95 2.09 -21.11
CA LYS A 148 -9.86 3.48 -21.54
C LYS A 148 -11.20 4.21 -21.47
N LYS A 149 -12.30 3.49 -21.74
CA LYS A 149 -13.65 4.07 -21.71
C LYS A 149 -14.13 4.34 -20.30
N THR A 150 -13.63 3.59 -19.32
CA THR A 150 -13.96 3.86 -17.94
C THR A 150 -12.85 4.58 -17.21
N ASN A 151 -11.71 4.83 -17.87
CA ASN A 151 -10.49 5.27 -17.20
C ASN A 151 -10.26 4.42 -15.96
N GLY A 152 -10.18 3.12 -16.19
CA GLY A 152 -10.06 2.16 -15.13
C GLY A 152 -8.63 1.92 -14.71
N SER A 153 -8.41 0.78 -14.08
CA SER A 153 -7.13 0.49 -13.47
C SER A 153 -6.75 -0.96 -13.66
N VAL A 154 -5.46 -1.24 -13.52
CA VAL A 154 -4.91 -2.59 -13.52
C VAL A 154 -4.27 -2.83 -12.16
N VAL A 155 -4.42 -4.04 -11.64
CA VAL A 155 -3.66 -4.48 -10.47
C VAL A 155 -3.01 -5.81 -10.82
N MET A 156 -1.69 -5.84 -10.81
CA MET A 156 -0.94 -7.06 -11.04
C MET A 156 -0.52 -7.69 -9.72
N THR A 157 -0.41 -9.02 -9.72
CA THR A 157 0.16 -9.75 -8.59
C THR A 157 1.66 -9.97 -8.84
N ALA A 158 2.48 -9.40 -7.98
CA ALA A 158 3.92 -9.58 -8.00
C ALA A 158 4.31 -10.61 -6.94
N SER A 159 5.24 -10.34 -6.04
CA SER A 159 5.70 -11.37 -5.10
C SER A 159 6.70 -10.73 -4.15
N VAL A 160 6.91 -11.35 -2.99
CA VAL A 160 8.12 -11.00 -2.24
C VAL A 160 9.34 -11.21 -3.12
N SER A 161 9.31 -12.23 -3.99
CA SER A 161 10.41 -12.51 -4.91
C SER A 161 10.64 -11.40 -5.92
N SER A 162 9.75 -10.41 -6.01
CA SER A 162 10.06 -9.24 -6.82
C SER A 162 11.10 -8.34 -6.15
N HIS A 163 11.34 -8.50 -4.85
CA HIS A 163 12.19 -7.62 -4.06
C HIS A 163 13.38 -8.32 -3.43
N ALA A 164 13.20 -9.54 -2.94
CA ALA A 164 14.21 -10.24 -2.16
C ALA A 164 14.42 -11.64 -2.76
N VAL A 165 15.59 -12.21 -2.45
CA VAL A 165 15.86 -13.61 -2.79
C VAL A 165 15.36 -14.48 -1.65
N GLY A 166 15.23 -15.78 -1.92
CA GLY A 166 14.90 -16.77 -0.91
C GLY A 166 13.64 -17.57 -1.21
N GLY A 167 12.66 -16.96 -1.87
CA GLY A 167 11.37 -17.58 -2.11
C GLY A 167 11.19 -18.22 -3.46
N GLY A 168 12.27 -18.43 -4.21
CA GLY A 168 12.17 -19.04 -5.53
C GLY A 168 13.55 -19.21 -6.13
N GLY A 169 13.61 -19.95 -7.23
CA GLY A 169 14.82 -20.03 -8.02
C GLY A 169 14.96 -18.79 -8.88
N SER A 170 16.04 -18.78 -9.66
CA SER A 170 16.36 -17.60 -10.44
C SER A 170 15.30 -17.28 -11.49
N CYS A 171 14.71 -18.31 -12.13
CA CYS A 171 13.67 -18.05 -13.12
C CYS A 171 12.48 -17.33 -12.50
N TYR A 172 12.02 -17.83 -11.36
CA TYR A 172 10.87 -17.22 -10.70
C TYR A 172 11.20 -15.80 -10.25
N ILE A 173 12.35 -15.63 -9.57
CA ILE A 173 12.70 -14.32 -9.06
C ILE A 173 12.83 -13.31 -10.19
N ALA A 174 13.36 -13.75 -11.34
CA ALA A 174 13.50 -12.84 -12.48
C ALA A 174 12.14 -12.54 -13.09
N SER A 175 11.24 -13.51 -13.14
CA SER A 175 9.90 -13.21 -13.67
C SER A 175 9.16 -12.22 -12.77
N LYS A 176 9.34 -12.35 -11.46
CA LYS A 176 8.65 -11.42 -10.57
C LYS A 176 9.26 -10.02 -10.62
N HIS A 177 10.56 -9.91 -10.91
CA HIS A 177 11.13 -8.58 -11.14
C HIS A 177 10.62 -7.96 -12.42
N ALA A 178 10.45 -8.76 -13.46
CA ALA A 178 9.91 -8.21 -14.71
C ALA A 178 8.54 -7.58 -14.48
N VAL A 179 7.71 -8.19 -13.63
CA VAL A 179 6.41 -7.60 -13.33
C VAL A 179 6.58 -6.22 -12.69
N LEU A 180 7.61 -6.04 -11.86
CA LEU A 180 7.83 -4.71 -11.30
C LEU A 180 8.12 -3.71 -12.39
N GLY A 181 8.81 -4.15 -13.45
CA GLY A 181 9.10 -3.26 -14.55
C GLY A 181 7.86 -2.95 -15.35
N MET A 182 6.98 -3.95 -15.51
CA MET A 182 5.67 -3.72 -16.12
C MET A 182 4.92 -2.61 -15.40
N VAL A 183 4.89 -2.65 -14.06
CA VAL A 183 4.09 -1.68 -13.33
C VAL A 183 4.57 -0.27 -13.63
N LYS A 184 5.88 -0.06 -13.59
CA LYS A 184 6.40 1.29 -13.74
C LYS A 184 6.25 1.77 -15.18
N ALA A 185 6.54 0.90 -16.14
CA ALA A 185 6.42 1.26 -17.56
C ALA A 185 4.97 1.53 -17.94
N LEU A 186 4.05 0.63 -17.58
CA LEU A 186 2.66 0.80 -18.00
C LEU A 186 1.98 1.95 -17.27
N ALA A 187 2.24 2.09 -15.96
CA ALA A 187 1.71 3.23 -15.23
C ALA A 187 2.09 4.51 -15.91
N TYR A 188 3.33 4.60 -16.40
CA TYR A 188 3.79 5.85 -17.00
C TYR A 188 3.21 6.04 -18.39
N GLU A 189 3.21 4.99 -19.20
CA GLU A 189 2.66 5.07 -20.54
C GLU A 189 1.15 5.37 -20.52
N LEU A 190 0.40 4.78 -19.58
CA LEU A 190 -1.06 4.84 -19.62
C LEU A 190 -1.66 5.98 -18.81
N ALA A 191 -0.90 6.62 -17.92
CA ALA A 191 -1.39 7.82 -17.24
C ALA A 191 -1.65 8.93 -18.25
N PRO A 192 -2.58 9.84 -17.95
CA PRO A 192 -3.43 9.97 -16.77
C PRO A 192 -4.64 9.06 -16.78
N GLU A 193 -4.86 8.32 -17.88
CA GLU A 193 -6.16 7.67 -18.08
C GLU A 193 -6.34 6.42 -17.22
N ILE A 194 -5.31 5.58 -17.14
CA ILE A 194 -5.40 4.26 -16.53
C ILE A 194 -4.32 4.14 -15.47
N ARG A 195 -4.70 3.73 -14.27
CA ARG A 195 -3.75 3.53 -13.19
C ARG A 195 -3.26 2.08 -13.20
N VAL A 196 -1.97 1.90 -12.95
CA VAL A 196 -1.38 0.57 -12.98
C VAL A 196 -0.59 0.38 -11.70
N ASN A 197 -0.89 -0.70 -10.96
CA ASN A 197 -0.26 -0.96 -9.67
C ASN A 197 -0.10 -2.46 -9.48
N ALA A 198 0.55 -2.82 -8.37
CA ALA A 198 0.86 -4.21 -8.09
C ALA A 198 0.79 -4.46 -6.59
N VAL A 199 0.61 -5.73 -6.24
CA VAL A 199 0.64 -6.21 -4.87
C VAL A 199 1.67 -7.33 -4.79
N SER A 200 2.51 -7.30 -3.75
CA SER A 200 3.61 -8.25 -3.59
C SER A 200 3.36 -9.09 -2.35
N PRO A 201 2.56 -10.14 -2.45
CA PRO A 201 2.33 -11.00 -1.29
C PRO A 201 3.50 -11.96 -1.11
N GLY A 202 3.53 -12.60 0.05
CA GLY A 202 4.62 -13.52 0.30
C GLY A 202 4.45 -14.26 1.60
N GLY A 203 4.98 -15.48 1.68
CA GLY A 203 4.89 -16.24 2.92
C GLY A 203 3.50 -16.67 3.30
N THR A 204 2.69 -17.07 2.32
CA THR A 204 1.29 -17.40 2.55
C THR A 204 1.02 -18.84 2.17
N VAL A 205 0.27 -19.55 3.02
CA VAL A 205 -0.28 -20.88 2.78
C VAL A 205 0.66 -21.78 1.98
N LEU A 234 7.08 -19.03 8.72
CA LEU A 234 8.25 -18.34 9.26
C LEU A 234 8.48 -17.01 8.54
N THR A 235 7.96 -15.94 9.11
CA THR A 235 8.23 -14.57 8.70
C THR A 235 8.61 -13.80 9.95
N PRO A 236 9.16 -12.59 9.81
CA PRO A 236 9.36 -11.77 11.02
C PRO A 236 8.09 -11.59 11.86
N LEU A 237 6.92 -11.46 11.24
CA LEU A 237 5.68 -11.38 12.03
C LEU A 237 5.29 -12.70 12.67
N GLY A 238 6.02 -13.78 12.43
CA GLY A 238 5.84 -14.99 13.20
C GLY A 238 4.76 -15.92 12.72
N PHE A 239 4.18 -15.68 11.55
CA PHE A 239 3.18 -16.61 11.05
C PHE A 239 3.11 -16.49 9.54
N ALA A 240 2.56 -17.53 8.92
CA ALA A 240 2.20 -17.47 7.51
C ALA A 240 0.75 -17.05 7.41
N ALA A 241 0.46 -16.17 6.46
CA ALA A 241 -0.87 -15.64 6.32
C ALA A 241 -1.70 -16.54 5.42
N LYS A 242 -2.99 -16.59 5.68
CA LYS A 242 -3.89 -17.24 4.76
C LYS A 242 -4.21 -16.26 3.63
N PRO A 243 -4.51 -16.77 2.44
CA PRO A 243 -4.81 -15.84 1.32
C PRO A 243 -5.86 -14.80 1.65
N GLU A 244 -6.79 -15.07 2.58
CA GLU A 244 -7.78 -14.05 2.95
C GLU A 244 -7.15 -12.83 3.58
N ASP A 245 -5.97 -12.97 4.17
CA ASP A 245 -5.36 -11.86 4.88
C ASP A 245 -4.66 -10.88 3.96
N VAL A 246 -4.44 -11.22 2.69
CA VAL A 246 -3.61 -10.39 1.83
C VAL A 246 -4.44 -9.67 0.78
N VAL A 247 -5.77 -9.64 0.91
CA VAL A 247 -6.61 -9.08 -0.14
C VAL A 247 -6.79 -7.57 -0.06
N ALA A 248 -6.66 -6.97 1.13
CA ALA A 248 -7.04 -5.57 1.27
C ALA A 248 -6.25 -4.63 0.37
N PRO A 249 -4.94 -4.82 0.15
CA PRO A 249 -4.24 -3.93 -0.81
C PRO A 249 -4.85 -3.94 -2.20
N TYR A 250 -5.28 -5.11 -2.69
CA TYR A 250 -5.96 -5.16 -3.97
C TYR A 250 -7.20 -4.27 -3.98
N LEU A 251 -8.00 -4.28 -2.91
CA LEU A 251 -9.21 -3.45 -2.88
C LEU A 251 -8.89 -1.96 -2.87
N LEU A 252 -7.84 -1.55 -2.15
CA LEU A 252 -7.47 -0.13 -2.15
C LEU A 252 -7.01 0.33 -3.54
N LEU A 253 -6.20 -0.48 -4.22
CA LEU A 253 -5.64 -0.09 -5.51
C LEU A 253 -6.69 -0.11 -6.61
N ALA A 254 -7.72 -0.95 -6.47
CA ALA A 254 -8.83 -0.95 -7.42
C ALA A 254 -9.83 0.18 -7.17
N SER A 255 -9.97 0.59 -5.91
CA SER A 255 -11.02 1.52 -5.52
C SER A 255 -10.90 2.84 -6.27
N ARG A 256 -11.99 3.26 -6.89
CA ARG A 256 -11.94 4.50 -7.65
C ARG A 256 -11.92 5.72 -6.75
N LYS A 257 -12.41 5.59 -5.51
CA LYS A 257 -12.37 6.68 -4.56
C LYS A 257 -11.04 6.70 -3.80
N GLN A 258 -10.65 5.57 -3.25
CA GLN A 258 -9.48 5.49 -2.38
C GLN A 258 -8.17 5.43 -3.14
N GLY A 259 -8.17 5.00 -4.40
CA GLY A 259 -6.92 4.80 -5.08
C GLY A 259 -6.77 5.77 -6.22
N LYS A 260 -7.60 6.81 -6.25
CA LYS A 260 -7.62 7.71 -7.39
C LYS A 260 -6.26 8.33 -7.66
N PHE A 261 -5.38 8.39 -6.67
CA PHE A 261 -4.10 9.06 -6.75
C PHE A 261 -2.92 8.09 -6.64
N ILE A 262 -3.17 6.79 -6.73
CA ILE A 262 -2.13 5.77 -6.62
C ILE A 262 -1.88 5.18 -7.99
N THR A 263 -0.69 5.41 -8.54
CA THR A 263 -0.26 4.69 -9.74
C THR A 263 1.25 4.50 -9.67
N GLY A 264 1.72 3.40 -10.25
CA GLY A 264 3.14 3.11 -10.23
C GLY A 264 3.62 2.48 -8.94
N THR A 265 2.69 1.98 -8.13
CA THR A 265 2.94 1.63 -6.75
C THR A 265 2.89 0.13 -6.58
N VAL A 266 3.78 -0.39 -5.75
CA VAL A 266 3.77 -1.78 -5.33
C VAL A 266 3.57 -1.82 -3.82
N ILE A 267 2.56 -2.57 -3.36
CA ILE A 267 2.27 -2.68 -1.93
C ILE A 267 2.71 -4.06 -1.47
N SER A 268 3.71 -4.10 -0.59
CA SER A 268 4.20 -5.37 -0.07
C SER A 268 3.31 -5.85 1.07
N ILE A 269 2.97 -7.14 1.05
CA ILE A 269 2.20 -7.72 2.14
C ILE A 269 2.75 -9.12 2.41
N ASP A 270 3.75 -9.18 3.28
CA ASP A 270 4.63 -10.34 3.33
C ASP A 270 5.10 -10.71 4.73
N GLY A 271 4.51 -10.16 5.78
CA GLY A 271 5.00 -10.42 7.12
C GLY A 271 6.39 -9.90 7.38
N GLY A 272 6.88 -8.98 6.54
CA GLY A 272 8.24 -8.48 6.66
C GLY A 272 9.30 -9.36 6.05
N MET A 273 8.93 -10.32 5.19
CA MET A 273 9.92 -11.15 4.52
C MET A 273 10.88 -10.32 3.67
N ALA A 274 10.37 -9.31 2.97
CA ALA A 274 11.25 -8.47 2.17
C ALA A 274 12.34 -7.85 3.02
N LEU A 275 12.10 -7.66 4.31
CA LEU A 275 13.14 -7.29 5.26
C LEU A 275 14.08 -8.48 5.44
N GLY A 276 14.41 -8.81 6.68
CA GLY A 276 15.23 -9.96 6.96
C GLY A 276 14.43 -11.21 7.27
N ARG A 277 15.14 -12.23 7.74
CA ARG A 277 14.58 -13.54 8.05
C ARG A 277 14.41 -13.76 9.54
N GLY B 21 -9.88 -7.19 21.50
CA GLY B 21 -10.90 -6.24 21.94
C GLY B 21 -11.27 -5.27 20.83
N ASN B 22 -12.56 -4.90 20.74
CA ASN B 22 -13.02 -4.17 19.58
C ASN B 22 -12.43 -2.76 19.53
N GLN B 23 -12.63 -1.96 20.59
CA GLN B 23 -12.41 -0.53 20.51
C GLN B 23 -10.96 -0.18 20.20
N GLN B 24 -10.71 0.48 19.07
CA GLN B 24 -9.36 0.86 18.68
C GLN B 24 -9.13 2.34 18.96
N VAL B 25 -7.87 2.67 19.24
CA VAL B 25 -7.43 4.00 19.64
C VAL B 25 -6.19 4.37 18.85
N VAL B 26 -6.19 5.55 18.24
CA VAL B 26 -5.07 6.02 17.44
C VAL B 26 -4.63 7.40 17.92
N SER B 27 -3.32 7.64 17.88
CA SER B 27 -2.76 8.92 18.28
C SER B 27 -1.93 9.51 17.13
N ILE B 28 -2.20 10.76 16.79
CA ILE B 28 -1.73 11.39 15.54
C ILE B 28 -0.97 12.68 15.86
N THR B 29 0.31 12.76 15.48
CA THR B 29 1.01 14.05 15.50
C THR B 29 0.80 14.80 14.18
N GLY B 30 1.18 16.07 14.16
CA GLY B 30 0.90 16.90 12.98
C GLY B 30 -0.56 16.98 12.60
N ALA B 31 -1.45 17.07 13.59
CA ALA B 31 -2.88 16.80 13.36
C ALA B 31 -3.73 18.04 13.09
N GLY B 32 -3.17 19.24 13.15
CA GLY B 32 -3.94 20.45 12.99
C GLY B 32 -4.02 21.01 11.60
N SER B 33 -3.40 20.36 10.62
CA SER B 33 -3.39 20.89 9.26
C SER B 33 -3.14 19.74 8.30
N GLY B 34 -3.42 20.01 7.02
CA GLY B 34 -3.00 19.14 5.94
C GLY B 34 -3.43 17.72 6.14
N ILE B 35 -2.50 16.79 5.90
CA ILE B 35 -2.85 15.37 5.95
C ILE B 35 -3.27 14.95 7.35
N GLY B 36 -2.61 15.49 8.37
CA GLY B 36 -2.88 15.04 9.73
C GLY B 36 -4.29 15.33 10.18
N LEU B 37 -4.83 16.48 9.81
CA LEU B 37 -6.22 16.80 10.12
C LEU B 37 -7.17 15.83 9.42
N GLU B 38 -6.85 15.44 8.19
CA GLU B 38 -7.70 14.49 7.50
C GLU B 38 -7.58 13.10 8.11
N LEU B 39 -6.45 12.77 8.71
CA LEU B 39 -6.34 11.50 9.41
C LEU B 39 -7.25 11.48 10.64
N VAL B 40 -7.32 12.60 11.36
CA VAL B 40 -8.27 12.72 12.46
C VAL B 40 -9.68 12.47 11.97
N ARG B 41 -10.09 13.21 10.93
CA ARG B 41 -11.44 13.05 10.41
C ARG B 41 -11.66 11.64 9.89
N SER B 42 -10.64 11.04 9.26
CA SER B 42 -10.85 9.72 8.66
C SER B 42 -10.92 8.64 9.73
N PHE B 43 -10.05 8.69 10.73
CA PHE B 43 -10.05 7.64 11.74
C PHE B 43 -11.27 7.78 12.65
N LYS B 44 -11.64 9.03 12.97
CA LYS B 44 -12.89 9.24 13.71
C LYS B 44 -14.07 8.67 12.94
N LEU B 45 -14.12 8.89 11.63
CA LEU B 45 -15.23 8.38 10.83
C LEU B 45 -15.23 6.85 10.80
N ALA B 46 -14.06 6.22 10.82
CA ALA B 46 -13.96 4.77 10.83
C ALA B 46 -14.24 4.16 12.20
N GLY B 47 -14.42 4.97 13.25
CA GLY B 47 -14.84 4.48 14.53
C GLY B 47 -13.79 4.48 15.62
N TYR B 48 -12.62 5.06 15.38
CA TYR B 48 -11.54 5.07 16.37
C TYR B 48 -11.79 6.14 17.44
N CYS B 49 -11.27 5.88 18.62
CA CYS B 49 -10.98 6.97 19.54
C CYS B 49 -9.67 7.59 19.12
N VAL B 50 -9.63 8.92 19.03
CA VAL B 50 -8.52 9.64 18.42
C VAL B 50 -7.94 10.61 19.43
N SER B 51 -6.62 10.56 19.61
CA SER B 51 -5.92 11.66 20.23
C SER B 51 -5.00 12.31 19.21
N ALA B 52 -4.65 13.57 19.47
CA ALA B 52 -4.08 14.39 18.43
C ALA B 52 -3.15 15.42 19.06
N LEU B 53 -1.96 15.55 18.47
CA LEU B 53 -0.99 16.55 18.87
C LEU B 53 -0.99 17.65 17.83
N VAL B 54 -1.14 18.88 18.29
CA VAL B 54 -1.38 20.03 17.42
C VAL B 54 -0.44 21.15 17.83
N ARG B 55 -0.09 22.03 16.88
CA ARG B 55 0.97 23.03 17.12
C ARG B 55 0.50 24.22 17.94
N ASN B 56 -0.76 24.64 17.82
CA ASN B 56 -1.17 25.84 18.53
C ASN B 56 -2.65 25.79 18.84
N GLU B 57 -3.12 26.87 19.46
CA GLU B 57 -4.45 26.90 20.03
C GLU B 57 -5.51 27.09 18.96
N GLU B 58 -5.16 27.77 17.86
CA GLU B 58 -6.10 27.93 16.76
C GLU B 58 -6.43 26.59 16.14
N GLN B 59 -5.43 25.75 15.97
CA GLN B 59 -5.67 24.42 15.44
C GLN B 59 -6.46 23.57 16.43
N GLU B 60 -6.22 23.77 17.72
CA GLU B 60 -7.06 23.13 18.72
C GLU B 60 -8.52 23.54 18.55
N ALA B 61 -8.78 24.83 18.32
CA ALA B 61 -10.15 25.31 18.18
C ALA B 61 -10.79 24.75 16.92
N LEU B 62 -10.00 24.61 15.85
CA LEU B 62 -10.48 23.95 14.65
C LEU B 62 -10.98 22.54 14.96
N LEU B 63 -10.24 21.79 15.77
CA LEU B 63 -10.63 20.40 16.07
C LEU B 63 -11.82 20.34 17.01
N CYS B 64 -11.95 21.32 17.92
CA CYS B 64 -13.07 21.35 18.86
C CYS B 64 -14.37 21.77 18.17
N ASN B 65 -14.31 22.80 17.32
CA ASN B 65 -15.48 23.19 16.56
C ASN B 65 -16.10 22.00 15.83
N GLU B 66 -15.28 21.02 15.43
CA GLU B 66 -15.81 19.91 14.67
C GLU B 66 -16.19 18.74 15.58
N PHE B 67 -15.36 18.43 16.56
CA PHE B 67 -15.52 17.19 17.32
C PHE B 67 -15.86 17.42 18.78
N LYS B 68 -16.04 18.68 19.20
CA LYS B 68 -16.38 19.00 20.57
C LYS B 68 -15.32 18.50 21.54
N ASP B 69 -15.65 17.50 22.34
CA ASP B 69 -14.72 16.95 23.31
C ASP B 69 -14.48 15.46 23.11
N ALA B 70 -14.89 14.91 21.96
CA ALA B 70 -14.65 13.49 21.68
C ALA B 70 -13.15 13.19 21.55
N LEU B 71 -12.34 14.17 21.17
CA LEU B 71 -10.90 13.94 21.00
C LEU B 71 -10.16 14.26 22.29
N GLU B 72 -8.97 13.71 22.40
CA GLU B 72 -8.00 14.14 23.38
C GLU B 72 -6.95 14.92 22.61
N ILE B 73 -6.72 16.16 23.01
CA ILE B 73 -5.88 17.08 22.25
C ILE B 73 -4.78 17.62 23.15
N VAL B 74 -3.55 17.60 22.65
CA VAL B 74 -2.41 18.22 23.29
C VAL B 74 -1.87 19.26 22.31
N VAL B 75 -1.64 20.47 22.81
CA VAL B 75 -1.06 21.55 22.02
C VAL B 75 0.42 21.67 22.41
N GLY B 76 1.30 21.65 21.42
CA GLY B 76 2.71 21.81 21.72
C GLY B 76 3.59 21.37 20.56
N ASP B 77 4.88 21.27 20.87
CA ASP B 77 5.94 21.09 19.87
C ASP B 77 6.42 19.65 19.89
N VAL B 78 6.38 18.99 18.74
CA VAL B 78 6.73 17.58 18.65
C VAL B 78 8.24 17.37 18.91
N ARG B 79 9.05 18.40 18.74
CA ARG B 79 10.48 18.31 19.05
C ARG B 79 10.78 18.23 20.54
N ASP B 80 9.78 18.33 21.40
CA ASP B 80 9.97 18.26 22.83
C ASP B 80 9.46 16.91 23.33
N HIS B 81 10.37 16.11 23.89
CA HIS B 81 10.03 14.72 24.24
C HIS B 81 8.89 14.66 25.24
N ALA B 82 8.91 15.51 26.27
CA ALA B 82 7.86 15.51 27.28
C ALA B 82 6.49 15.74 26.66
N THR B 83 6.40 16.54 25.61
CA THR B 83 5.12 16.72 24.93
C THR B 83 4.62 15.39 24.33
N ASN B 84 5.52 14.61 23.72
CA ASN B 84 5.15 13.30 23.19
C ASN B 84 4.69 12.37 24.31
N GLU B 85 5.41 12.38 25.43
CA GLU B 85 4.97 11.59 26.58
C GLU B 85 3.58 12.06 27.05
N LYS B 86 3.37 13.36 27.09
CA LYS B 86 2.07 13.91 27.49
C LYS B 86 0.97 13.42 26.58
N LEU B 87 1.19 13.49 25.25
CA LEU B 87 0.23 12.98 24.28
C LEU B 87 -0.15 11.54 24.59
N ILE B 88 0.84 10.68 24.78
CA ILE B 88 0.55 9.29 25.11
C ILE B 88 -0.18 9.20 26.44
N LYS B 89 0.35 9.85 27.48
CA LYS B 89 -0.22 9.71 28.81
C LYS B 89 -1.70 10.10 28.82
N GLN B 90 -2.03 11.23 28.18
CA GLN B 90 -3.43 11.63 28.10
C GLN B 90 -4.26 10.63 27.32
N THR B 91 -3.66 10.02 26.29
CA THR B 91 -4.40 9.05 25.50
C THR B 91 -4.83 7.86 26.37
N ILE B 92 -3.90 7.35 27.17
CA ILE B 92 -4.17 6.19 28.02
C ILE B 92 -5.20 6.54 29.08
N ASP B 93 -5.01 7.68 29.74
CA ASP B 93 -5.93 8.11 30.80
C ASP B 93 -7.33 8.34 30.26
N ARG B 94 -7.42 8.93 29.07
CA ARG B 94 -8.72 9.17 28.48
C ARG B 94 -9.31 7.91 27.85
N PHE B 95 -8.48 7.08 27.21
CA PHE B 95 -9.00 5.95 26.46
C PHE B 95 -8.53 4.58 26.93
N GLY B 96 -7.56 4.51 27.84
CA GLY B 96 -7.22 3.22 28.42
C GLY B 96 -6.05 2.47 27.82
N HIS B 97 -5.95 2.50 26.49
CA HIS B 97 -4.88 1.81 25.78
C HIS B 97 -4.58 2.59 24.50
N LEU B 98 -3.57 2.15 23.76
CA LEU B 98 -3.20 2.79 22.50
C LEU B 98 -2.95 1.68 21.49
N ASP B 99 -3.64 1.72 20.35
CA ASP B 99 -3.45 0.70 19.32
C ASP B 99 -2.51 1.13 18.19
N CYS B 100 -2.50 2.41 17.82
CA CYS B 100 -1.72 2.83 16.66
C CYS B 100 -1.14 4.21 16.94
N PHE B 101 0.12 4.41 16.59
CA PHE B 101 0.75 5.72 16.66
C PHE B 101 1.14 6.14 15.26
N ILE B 102 0.67 7.32 14.84
CA ILE B 102 0.95 7.87 13.52
C ILE B 102 1.85 9.09 13.72
N ALA B 103 3.11 8.96 13.32
CA ALA B 103 4.06 10.05 13.40
C ALA B 103 4.02 10.75 12.05
N ASN B 104 3.55 11.99 12.02
CA ASN B 104 3.23 12.66 10.77
C ASN B 104 3.66 14.11 10.72
N ALA B 105 3.93 14.77 11.84
CA ALA B 105 4.31 16.17 11.80
C ALA B 105 5.56 16.32 10.94
N GLY B 106 5.52 17.28 10.01
CA GLY B 106 6.63 17.46 9.08
C GLY B 106 6.89 18.93 8.83
N ILE B 107 8.05 19.19 8.21
CA ILE B 107 8.42 20.54 7.77
C ILE B 107 9.21 20.41 6.47
N TRP B 108 9.07 21.41 5.61
CA TRP B 108 9.76 21.49 4.33
C TRP B 108 11.05 22.30 4.48
N ASP B 109 11.86 22.30 3.41
CA ASP B 109 13.06 23.12 3.37
C ASP B 109 13.06 24.15 2.24
N TYR B 110 11.97 24.26 1.49
CA TYR B 110 11.81 25.33 0.48
C TYR B 110 13.00 25.35 -0.48
N MET B 111 13.41 24.17 -0.92
CA MET B 111 14.44 23.98 -1.96
C MET B 111 15.77 24.64 -1.59
N LEU B 112 16.11 24.67 -0.30
CA LEU B 112 17.36 25.25 0.16
C LEU B 112 18.54 24.69 -0.63
N ASN B 113 19.31 25.57 -1.28
CA ASN B 113 20.43 25.16 -2.11
C ASN B 113 21.68 24.89 -1.27
N ILE B 114 22.50 23.95 -1.75
CA ILE B 114 23.72 23.60 -1.04
C ILE B 114 24.79 24.69 -1.17
N GLU B 115 24.64 25.62 -2.11
CA GLU B 115 25.56 26.75 -2.23
C GLU B 115 25.37 27.81 -1.15
N GLU B 116 24.21 27.83 -0.50
CA GLU B 116 23.91 28.86 0.50
C GLU B 116 24.95 28.88 1.61
N PRO B 117 25.08 30.02 2.30
CA PRO B 117 26.04 30.10 3.41
C PRO B 117 25.74 29.08 4.50
N TRP B 118 26.82 28.48 5.02
CA TRP B 118 26.67 27.35 5.94
C TRP B 118 25.80 27.67 7.14
N GLU B 119 25.85 28.92 7.62
CA GLU B 119 25.03 29.33 8.75
C GLU B 119 23.57 28.99 8.50
N LYS B 120 23.10 29.26 7.28
CA LYS B 120 21.73 28.96 6.91
C LYS B 120 21.51 27.46 6.76
N ILE B 121 22.43 26.76 6.10
CA ILE B 121 22.31 25.32 5.95
C ILE B 121 22.26 24.65 7.32
N SER B 122 23.16 25.06 8.22
CA SER B 122 23.23 24.44 9.53
C SER B 122 21.93 24.62 10.30
N SER B 123 21.33 25.81 10.22
CA SER B 123 20.07 26.03 10.92
C SER B 123 18.96 25.16 10.35
N SER B 124 18.76 25.24 9.04
CA SER B 124 17.71 24.45 8.40
C SER B 124 17.89 22.97 8.70
N PHE B 125 19.14 22.49 8.63
CA PHE B 125 19.38 21.06 8.84
C PHE B 125 18.92 20.64 10.23
N ASP B 126 19.24 21.46 11.23
CA ASP B 126 18.81 21.12 12.59
C ASP B 126 17.29 21.10 12.68
N GLU B 127 16.62 22.03 12.02
CA GLU B 127 15.17 22.07 12.14
C GLU B 127 14.54 20.92 11.36
N ILE B 128 15.10 20.59 10.19
CA ILE B 128 14.51 19.53 9.38
C ILE B 128 14.66 18.19 10.06
N PHE B 129 15.86 17.89 10.55
CA PHE B 129 16.07 16.56 11.12
C PHE B 129 15.45 16.41 12.50
N ASP B 130 15.37 17.50 13.29
CA ASP B 130 14.66 17.42 14.55
C ASP B 130 13.19 17.07 14.34
N ILE B 131 12.56 17.65 13.33
CA ILE B 131 11.12 17.47 13.13
C ILE B 131 10.81 16.25 12.29
N ASN B 132 11.48 16.10 11.15
CA ASN B 132 11.15 15.04 10.22
C ASN B 132 11.73 13.68 10.62
N VAL B 133 12.69 13.63 11.54
CA VAL B 133 13.33 12.37 11.89
C VAL B 133 13.41 12.18 13.40
N LYS B 134 14.10 13.09 14.09
CA LYS B 134 14.33 12.87 15.52
C LYS B 134 13.01 12.78 16.29
N SER B 135 12.04 13.62 15.95
CA SER B 135 10.80 13.56 16.70
C SER B 135 9.94 12.35 16.32
N TYR B 136 10.19 11.69 15.18
CA TYR B 136 9.60 10.37 14.96
C TYR B 136 10.16 9.37 15.98
N PHE B 137 11.49 9.39 16.17
CA PHE B 137 12.10 8.54 17.21
C PHE B 137 11.50 8.83 18.58
N SER B 138 11.29 10.11 18.89
CA SER B 138 10.77 10.49 20.22
C SER B 138 9.34 10.01 20.42
N GLY B 139 8.45 10.25 19.46
CA GLY B 139 7.10 9.73 19.54
C GLY B 139 7.05 8.22 19.70
N ILE B 140 7.85 7.49 18.92
CA ILE B 140 7.81 6.03 18.99
C ILE B 140 8.36 5.52 20.33
N SER B 141 9.46 6.12 20.80
CA SER B 141 9.96 5.83 22.14
C SER B 141 8.88 6.03 23.21
N ALA B 142 8.13 7.12 23.11
CA ALA B 142 7.08 7.36 24.10
C ALA B 142 5.89 6.42 23.94
N ALA B 143 5.62 5.94 22.72
CA ALA B 143 4.43 5.12 22.51
C ALA B 143 4.68 3.63 22.73
N LEU B 144 5.95 3.19 22.69
CA LEU B 144 6.33 1.78 22.66
C LEU B 144 5.70 0.96 23.79
N PRO B 145 5.91 1.31 25.07
CA PRO B 145 5.35 0.44 26.13
C PRO B 145 3.86 0.19 25.95
N GLU B 146 3.10 1.18 25.47
CA GLU B 146 1.66 0.98 25.27
C GLU B 146 1.35 0.19 24.00
N LEU B 147 2.14 0.36 22.94
CA LEU B 147 1.96 -0.45 21.74
C LEU B 147 2.28 -1.92 22.00
N LYS B 148 3.23 -2.21 22.89
CA LYS B 148 3.55 -3.59 23.23
C LYS B 148 2.42 -4.29 23.95
N LYS B 149 1.67 -3.54 24.79
CA LYS B 149 0.55 -4.12 25.52
C LYS B 149 -0.60 -4.46 24.59
N THR B 150 -0.74 -3.75 23.49
CA THR B 150 -1.79 -4.04 22.53
C THR B 150 -1.26 -4.73 21.28
N ASN B 151 0.06 -4.96 21.21
CA ASN B 151 0.74 -5.42 20.00
C ASN B 151 0.25 -4.61 18.81
N GLY B 152 0.46 -3.31 18.91
CA GLY B 152 -0.13 -2.37 17.98
C GLY B 152 0.77 -2.08 16.81
N SER B 153 0.52 -0.95 16.16
CA SER B 153 1.35 -0.60 15.01
C SER B 153 1.80 0.85 15.07
N VAL B 154 2.75 1.17 14.19
CA VAL B 154 3.22 2.52 13.93
C VAL B 154 3.05 2.80 12.44
N VAL B 155 2.62 4.02 12.11
CA VAL B 155 2.63 4.50 10.73
C VAL B 155 3.35 5.83 10.74
N MET B 156 4.38 5.96 9.91
CA MET B 156 5.10 7.20 9.72
C MET B 156 4.72 7.81 8.38
N THR B 157 4.70 9.13 8.33
CA THR B 157 4.58 9.84 7.07
C THR B 157 6.00 10.01 6.50
N ALA B 158 6.25 9.34 5.38
CA ALA B 158 7.46 9.56 4.60
C ALA B 158 7.16 10.66 3.58
N SER B 159 7.47 10.44 2.31
CA SER B 159 7.31 11.46 1.28
C SER B 159 7.71 10.88 -0.08
N VAL B 160 7.23 11.52 -1.16
CA VAL B 160 7.76 11.17 -2.47
C VAL B 160 9.24 11.48 -2.53
N SER B 161 9.68 12.46 -1.72
CA SER B 161 11.09 12.79 -1.57
C SER B 161 11.89 11.66 -0.93
N SER B 162 11.23 10.66 -0.36
CA SER B 162 11.93 9.47 0.12
C SER B 162 12.45 8.60 -1.02
N HIS B 163 11.94 8.77 -2.24
CA HIS B 163 12.26 7.89 -3.36
C HIS B 163 12.89 8.63 -4.54
N ALA B 164 12.44 9.85 -4.84
CA ALA B 164 12.88 10.58 -6.01
C ALA B 164 13.32 11.99 -5.60
N VAL B 165 13.94 12.69 -6.54
CA VAL B 165 14.35 14.08 -6.33
C VAL B 165 13.33 14.99 -6.97
N GLY B 166 13.50 16.31 -6.81
CA GLY B 166 12.60 17.25 -7.44
C GLY B 166 11.73 18.02 -6.46
N GLY B 167 11.25 17.35 -5.41
CA GLY B 167 10.28 17.94 -4.51
C GLY B 167 10.86 18.51 -3.22
N GLY B 168 12.14 18.90 -3.25
CA GLY B 168 12.79 19.47 -2.08
C GLY B 168 14.27 19.68 -2.33
N GLY B 169 14.89 20.39 -1.38
CA GLY B 169 16.33 20.48 -1.33
C GLY B 169 16.93 19.24 -0.73
N SER B 170 18.24 19.27 -0.55
CA SER B 170 18.94 18.06 -0.14
C SER B 170 18.69 17.74 1.32
N CYS B 171 18.50 18.75 2.17
CA CYS B 171 18.15 18.45 3.56
C CYS B 171 16.84 17.68 3.64
N TYR B 172 15.80 18.22 2.99
CA TYR B 172 14.50 17.56 3.03
C TYR B 172 14.58 16.15 2.48
N ILE B 173 15.25 15.97 1.34
CA ILE B 173 15.29 14.66 0.72
C ILE B 173 16.06 13.68 1.59
N ALA B 174 17.13 14.15 2.23
CA ALA B 174 17.89 13.30 3.13
C ALA B 174 17.07 12.92 4.35
N SER B 175 16.29 13.84 4.89
CA SER B 175 15.47 13.50 6.06
C SER B 175 14.40 12.49 5.68
N LYS B 176 13.81 12.64 4.50
CA LYS B 176 12.77 11.70 4.09
C LYS B 176 13.35 10.34 3.73
N HIS B 177 14.61 10.28 3.27
CA HIS B 177 15.25 8.98 3.14
C HIS B 177 15.54 8.34 4.49
N ALA B 178 15.93 9.14 5.48
CA ALA B 178 16.14 8.59 6.81
C ALA B 178 14.87 7.91 7.33
N VAL B 179 13.68 8.48 7.04
CA VAL B 179 12.43 7.86 7.50
C VAL B 179 12.28 6.46 6.90
N LEU B 180 12.58 6.29 5.60
CA LEU B 180 12.62 4.96 5.02
C LEU B 180 13.52 4.03 5.81
N GLY B 181 14.65 4.56 6.30
CA GLY B 181 15.55 3.72 7.07
C GLY B 181 14.95 3.29 8.38
N MET B 182 14.28 4.22 9.07
CA MET B 182 13.58 3.90 10.32
C MET B 182 12.53 2.82 10.10
N VAL B 183 11.73 2.94 9.03
CA VAL B 183 10.68 1.97 8.77
C VAL B 183 11.26 0.55 8.69
N LYS B 184 12.37 0.41 7.97
CA LYS B 184 12.93 -0.93 7.81
C LYS B 184 13.56 -1.44 9.10
N ALA B 185 14.31 -0.58 9.80
CA ALA B 185 15.02 -1.03 11.01
C ALA B 185 14.05 -1.32 12.15
N LEU B 186 13.08 -0.44 12.37
CA LEU B 186 12.15 -0.65 13.46
C LEU B 186 11.22 -1.83 13.19
N ALA B 187 10.76 -2.00 11.95
CA ALA B 187 9.90 -3.14 11.66
C ALA B 187 10.63 -4.45 11.93
N TYR B 188 11.90 -4.51 11.53
CA TYR B 188 12.70 -5.71 11.82
C TYR B 188 12.88 -5.88 13.32
N GLU B 189 13.18 -4.78 14.03
CA GLU B 189 13.51 -4.88 15.45
C GLU B 189 12.28 -5.21 16.31
N LEU B 190 11.12 -4.67 15.97
CA LEU B 190 9.94 -4.80 16.82
C LEU B 190 9.05 -5.98 16.48
N ALA B 191 9.29 -6.66 15.37
CA ALA B 191 8.54 -7.86 15.03
C ALA B 191 8.87 -8.94 16.04
N PRO B 192 7.91 -9.84 16.33
CA PRO B 192 6.58 -9.93 15.74
C PRO B 192 5.53 -9.07 16.43
N GLU B 193 5.94 -8.35 17.49
CA GLU B 193 4.95 -7.71 18.37
C GLU B 193 4.29 -6.50 17.73
N ILE B 194 5.08 -5.61 17.14
CA ILE B 194 4.62 -4.32 16.66
C ILE B 194 4.92 -4.19 15.18
N ARG B 195 3.91 -3.82 14.38
CA ARG B 195 4.11 -3.57 12.97
C ARG B 195 4.51 -2.11 12.75
N VAL B 196 5.37 -1.88 11.76
CA VAL B 196 5.85 -0.54 11.47
C VAL B 196 5.85 -0.33 9.96
N ASN B 197 5.19 0.73 9.50
CA ASN B 197 5.03 0.97 8.08
C ASN B 197 5.04 2.48 7.84
N ALA B 198 4.91 2.86 6.58
CA ALA B 198 4.93 4.26 6.22
C ALA B 198 4.10 4.51 4.98
N VAL B 199 3.65 5.74 4.85
CA VAL B 199 2.96 6.25 3.68
C VAL B 199 3.82 7.37 3.09
N SER B 200 4.03 7.34 1.76
CA SER B 200 4.81 8.37 1.09
C SER B 200 3.92 9.20 0.19
N PRO B 201 3.30 10.25 0.69
CA PRO B 201 2.47 11.11 -0.17
C PRO B 201 3.33 12.07 -0.97
N GLY B 202 2.71 12.65 -2.01
CA GLY B 202 3.43 13.61 -2.81
C GLY B 202 2.54 14.41 -3.73
N GLY B 203 2.93 15.63 -4.07
CA GLY B 203 2.15 16.46 -4.98
C GLY B 203 0.76 16.78 -4.48
N THR B 204 0.69 17.21 -3.22
CA THR B 204 -0.57 17.51 -2.56
C THR B 204 -0.96 18.96 -2.76
N VAL B 205 -1.61 19.55 -1.75
CA VAL B 205 -1.95 20.96 -1.77
C VAL B 205 -0.80 21.75 -1.14
N LEU B 234 0.87 19.28 -10.93
CA LEU B 234 1.36 18.53 -12.08
C LEU B 234 1.95 17.19 -11.64
N THR B 235 1.26 16.11 -11.98
CA THR B 235 1.72 14.75 -11.75
C THR B 235 1.43 13.96 -13.02
N PRO B 236 1.97 12.75 -13.19
CA PRO B 236 1.51 11.92 -14.33
C PRO B 236 0.00 11.70 -14.37
N LEU B 237 -0.66 11.59 -13.21
CA LEU B 237 -2.12 11.42 -13.21
C LEU B 237 -2.86 12.72 -13.49
N GLY B 238 -2.15 13.82 -13.67
CA GLY B 238 -2.74 15.01 -14.23
C GLY B 238 -3.40 15.95 -13.25
N PHE B 239 -3.26 15.72 -11.95
CA PHE B 239 -3.90 16.61 -11.00
C PHE B 239 -3.15 16.53 -9.68
N ALA B 240 -3.35 17.56 -8.87
CA ALA B 240 -2.85 17.58 -7.50
C ALA B 240 -3.96 17.13 -6.57
N ALA B 241 -3.63 16.25 -5.64
CA ALA B 241 -4.61 15.68 -4.74
C ALA B 241 -4.77 16.56 -3.50
N LYS B 242 -6.01 16.65 -3.05
CA LYS B 242 -6.30 17.23 -1.76
C LYS B 242 -5.85 16.26 -0.67
N PRO B 243 -5.42 16.76 0.49
CA PRO B 243 -5.06 15.86 1.60
C PRO B 243 -6.12 14.82 1.90
N GLU B 244 -7.41 15.14 1.69
CA GLU B 244 -8.49 14.19 1.91
C GLU B 244 -8.35 12.96 1.02
N ASP B 245 -7.61 13.05 -0.07
CA ASP B 245 -7.52 11.96 -1.02
C ASP B 245 -6.48 10.92 -0.67
N VAL B 246 -5.56 11.21 0.26
CA VAL B 246 -4.38 10.37 0.43
C VAL B 246 -4.42 9.59 1.75
N VAL B 247 -5.57 9.51 2.41
CA VAL B 247 -5.62 8.92 3.76
C VAL B 247 -5.86 7.41 3.76
N ALA B 248 -6.44 6.84 2.70
CA ALA B 248 -6.74 5.41 2.72
C ALA B 248 -5.55 4.53 3.09
N PRO B 249 -4.31 4.75 2.58
CA PRO B 249 -3.21 3.86 2.98
C PRO B 249 -2.96 3.85 4.48
N TYR B 250 -3.12 4.99 5.15
CA TYR B 250 -2.96 5.02 6.60
C TYR B 250 -3.97 4.11 7.28
N LEU B 251 -5.23 4.16 6.85
CA LEU B 251 -6.26 3.33 7.44
C LEU B 251 -5.97 1.86 7.26
N LEU B 252 -5.58 1.46 6.04
CA LEU B 252 -5.16 0.08 5.79
C LEU B 252 -4.02 -0.33 6.71
N LEU B 253 -2.98 0.51 6.82
CA LEU B 253 -1.79 0.14 7.58
C LEU B 253 -2.05 0.07 9.09
N ALA B 254 -3.01 0.83 9.60
CA ALA B 254 -3.36 0.76 11.02
C ALA B 254 -4.37 -0.34 11.36
N SER B 255 -5.18 -0.76 10.40
CA SER B 255 -6.22 -1.74 10.68
C SER B 255 -5.62 -3.08 11.12
N ARG B 256 -6.05 -3.56 12.29
CA ARG B 256 -5.58 -4.86 12.72
C ARG B 256 -6.14 -5.98 11.87
N LYS B 257 -7.25 -5.73 11.18
CA LYS B 257 -7.80 -6.75 10.28
C LYS B 257 -7.08 -6.73 8.94
N GLN B 258 -7.16 -5.60 8.24
CA GLN B 258 -6.67 -5.53 6.86
C GLN B 258 -5.16 -5.49 6.79
N GLY B 259 -4.48 -5.02 7.85
CA GLY B 259 -3.05 -4.84 7.82
C GLY B 259 -2.25 -5.76 8.71
N LYS B 260 -2.86 -6.81 9.26
CA LYS B 260 -2.17 -7.66 10.24
C LYS B 260 -0.91 -8.30 9.69
N PHE B 261 -0.79 -8.43 8.36
CA PHE B 261 0.35 -9.09 7.74
C PHE B 261 1.30 -8.10 7.07
N ILE B 262 1.18 -6.81 7.36
CA ILE B 262 1.99 -5.79 6.71
C ILE B 262 2.93 -5.17 7.71
N THR B 263 4.23 -5.34 7.49
CA THR B 263 5.23 -4.61 8.25
C THR B 263 6.43 -4.38 7.34
N GLY B 264 7.18 -3.31 7.61
CA GLY B 264 8.27 -2.90 6.76
C GLY B 264 7.88 -2.34 5.42
N THR B 265 6.61 -2.04 5.20
CA THR B 265 6.08 -1.63 3.91
C THR B 265 5.98 -0.13 3.84
N VAL B 266 6.11 0.40 2.62
CA VAL B 266 5.92 1.82 2.34
C VAL B 266 4.97 1.94 1.15
N ILE B 267 3.85 2.61 1.35
CA ILE B 267 2.82 2.76 0.31
C ILE B 267 2.96 4.16 -0.28
N SER B 268 3.42 4.24 -1.52
CA SER B 268 3.45 5.50 -2.26
C SER B 268 2.06 5.90 -2.72
N ILE B 269 1.74 7.17 -2.56
CA ILE B 269 0.50 7.73 -3.05
C ILE B 269 0.80 9.14 -3.54
N ASP B 270 1.17 9.25 -4.82
CA ASP B 270 1.83 10.46 -5.33
C ASP B 270 1.43 10.80 -6.76
N GLY B 271 0.37 10.21 -7.29
CA GLY B 271 -0.05 10.50 -8.64
C GLY B 271 0.96 10.11 -9.69
N GLY B 272 1.88 9.19 -9.37
CA GLY B 272 2.90 8.74 -10.29
C GLY B 272 4.17 9.56 -10.26
N MET B 273 4.28 10.51 -9.32
CA MET B 273 5.38 11.45 -9.33
C MET B 273 6.73 10.75 -9.23
N ALA B 274 6.81 9.68 -8.45
CA ALA B 274 8.06 8.94 -8.34
C ALA B 274 8.49 8.40 -9.71
N LEU B 275 7.52 8.07 -10.57
CA LEU B 275 7.86 7.59 -11.91
C LEU B 275 8.60 8.63 -12.73
N GLY B 276 8.34 9.90 -12.50
CA GLY B 276 8.82 10.96 -13.37
C GLY B 276 7.69 11.66 -14.09
N ARG B 277 8.07 12.75 -14.78
CA ARG B 277 7.14 13.75 -15.32
C ARG B 277 6.55 13.34 -16.64
#